data_6FLB
#
_entry.id   6FLB
#
_cell.length_a   38.492
_cell.length_b   131.573
_cell.length_c   139.442
_cell.angle_alpha   90.00
_cell.angle_beta   90.00
_cell.angle_gamma   90.00
#
_symmetry.space_group_name_H-M   'P 21 21 21'
#
loop_
_entity.id
_entity.type
_entity.pdbx_description
1 polymer 'Domain III of Dengue virus 2'
2 polymer 'Heavy chain of 3H5 Fab'
3 polymer 'Light chain of 3H5 Fab'
4 non-polymer 'PHOSPHATE ION'
5 non-polymer GLYCEROL
6 non-polymer 'CHLORIDE ION'
7 water water
#
loop_
_entity_poly.entity_id
_entity_poly.type
_entity_poly.pdbx_seq_one_letter_code
_entity_poly.pdbx_strand_id
1 'polypeptide(L)'
;SYSMCTGKFKVVKEIAETQHGTIVIRVQYEGDGSPCKIPFEIMDLEKRHVLGRLITVNPIVTEKDSPVNIEAEPPFGDSY
IIIGVEPGQLKLNWFKKGSS
;
G
2 'polypeptide(L)'
;QVQLQQSGAEVARPGASVKLSCKASGYTFTSYWLQWVKQRPGQGLEWIGAIWPGDDDTRYAQKFQGKATMTADKSSSTAY
IQLSNLASEDSAVYYCARKGGFAMDYWGQGTSVTVSSAKTTPPSVYPLAPGSGAQTNSMVTLGCLVKGYFPEPVTVTWNS
GSLSSGVHTFPAVLQSDLYTLSSSVTVPSSTWPSETVTCNVAHPASSTKVDKKIEPRDCGKHHHHHH
;
H
3 'polypeptide(L)'
;NIVMTQSPTSLAVSLGQRATISCRASESVDSFGKSFMHFYQQKPGQPPKLLIHLASNLESGVPARFTGRGSRTDFTLTID
PVEADDAATYYCQQNNEVPFTFGSGTKLEVKRADAAPTVSIFPPSSEQLTSGGASVVCFLNNFYPKDINVKWKIDGSERQ
NGVLNSWTDQDSKDSTYSMSSTLTLTKDEYERHNSYTCEATHKTSTSPIVKSFNRNEC
;
L
#
loop_
_chem_comp.id
_chem_comp.type
_chem_comp.name
_chem_comp.formula
CL non-polymer 'CHLORIDE ION' 'Cl -1'
GOL non-polymer GLYCEROL 'C3 H8 O3'
PO4 non-polymer 'PHOSPHATE ION' 'O4 P -3'
#
# COMPACT_ATOMS: atom_id res chain seq x y z
N SER A 1 -0.74 -32.64 17.00
CA SER A 1 -0.84 -31.21 17.32
C SER A 1 -0.54 -30.32 16.07
N TYR A 2 -0.83 -30.85 14.87
CA TYR A 2 -0.63 -30.15 13.59
C TYR A 2 -1.56 -28.98 13.36
N SER A 3 -1.10 -28.00 12.60
CA SER A 3 -1.97 -26.92 12.22
C SER A 3 -2.69 -27.34 10.90
N MET A 4 -3.73 -26.60 10.50
CA MET A 4 -4.51 -26.82 9.28
C MET A 4 -3.68 -26.61 8.02
N CYS A 5 -3.95 -27.38 6.96
CA CYS A 5 -3.32 -27.17 5.65
C CYS A 5 -3.77 -25.81 5.11
N THR A 6 -2.84 -25.09 4.48
CA THR A 6 -3.11 -23.77 3.90
C THR A 6 -3.33 -23.81 2.38
N GLY A 7 -2.97 -24.90 1.76
CA GLY A 7 -3.06 -25.02 0.31
C GLY A 7 -4.39 -25.55 -0.18
N LYS A 8 -4.41 -26.06 -1.40
CA LYS A 8 -5.68 -26.55 -1.93
C LYS A 8 -5.80 -28.03 -2.10
N PHE A 9 -7.03 -28.45 -2.30
CA PHE A 9 -7.38 -29.84 -2.45
C PHE A 9 -8.07 -30.05 -3.79
N LYS A 10 -7.88 -31.24 -4.32
CA LYS A 10 -8.45 -31.73 -5.56
C LYS A 10 -9.32 -32.91 -5.16
N VAL A 11 -10.50 -33.06 -5.77
CA VAL A 11 -11.36 -34.20 -5.53
C VAL A 11 -10.79 -35.34 -6.38
N VAL A 12 -10.53 -36.48 -5.74
CA VAL A 12 -10.03 -37.69 -6.39
C VAL A 12 -11.19 -38.69 -6.47
N LYS A 13 -11.99 -38.79 -5.40
CA LYS A 13 -13.20 -39.62 -5.40
C LYS A 13 -14.33 -38.72 -4.93
N GLU A 14 -15.35 -38.57 -5.79
CA GLU A 14 -16.53 -37.74 -5.52
C GLU A 14 -17.31 -38.39 -4.38
N ILE A 15 -18.16 -37.63 -3.69
CA ILE A 15 -18.97 -38.14 -2.59
C ILE A 15 -19.75 -39.40 -3.03
N ALA A 16 -19.70 -40.47 -2.20
CA ALA A 16 -20.45 -41.71 -2.39
C ALA A 16 -21.09 -42.01 -1.06
N GLU A 17 -22.29 -42.56 -1.08
CA GLU A 17 -22.99 -42.90 0.15
C GLU A 17 -22.62 -44.33 0.51
N THR A 18 -22.41 -44.62 1.78
CA THR A 18 -22.10 -45.98 2.23
C THR A 18 -23.44 -46.63 2.60
N GLN A 19 -23.43 -47.91 2.94
CA GLN A 19 -24.67 -48.57 3.33
C GLN A 19 -25.20 -48.06 4.70
N HIS A 20 -24.33 -47.39 5.51
CA HIS A 20 -24.71 -46.85 6.82
C HIS A 20 -25.25 -45.41 6.72
N GLY A 21 -25.52 -44.94 5.51
CA GLY A 21 -25.98 -43.57 5.27
C GLY A 21 -24.87 -42.53 5.34
N THR A 22 -23.63 -42.93 5.74
CA THR A 22 -22.49 -42.00 5.79
C THR A 22 -22.03 -41.68 4.37
N ILE A 23 -21.12 -40.72 4.23
CA ILE A 23 -20.53 -40.35 2.96
C ILE A 23 -19.02 -40.52 3.03
N VAL A 24 -18.42 -40.86 1.90
CA VAL A 24 -16.98 -41.00 1.76
C VAL A 24 -16.54 -40.12 0.60
N ILE A 25 -15.40 -39.48 0.79
CA ILE A 25 -14.78 -38.65 -0.22
C ILE A 25 -13.28 -38.88 -0.19
N ARG A 26 -12.60 -38.73 -1.35
CA ARG A 26 -11.14 -38.79 -1.36
C ARG A 26 -10.61 -37.54 -1.99
N VAL A 27 -9.78 -36.80 -1.26
CA VAL A 27 -9.21 -35.52 -1.72
C VAL A 27 -7.70 -35.62 -1.72
N GLN A 28 -7.03 -34.91 -2.62
CA GLN A 28 -5.58 -34.92 -2.71
C GLN A 28 -5.05 -33.51 -2.51
N TYR A 29 -4.07 -33.35 -1.62
CA TYR A 29 -3.51 -32.04 -1.30
C TYR A 29 -2.55 -31.50 -2.37
N GLU A 30 -2.65 -30.20 -2.64
CA GLU A 30 -1.78 -29.45 -3.55
C GLU A 30 -1.34 -28.26 -2.66
N GLY A 31 -0.04 -28.11 -2.48
CA GLY A 31 0.49 -27.07 -1.62
C GLY A 31 1.58 -27.62 -0.72
N ASP A 32 1.95 -26.85 0.28
CA ASP A 32 2.98 -27.26 1.24
C ASP A 32 2.52 -27.19 2.69
N GLY A 33 3.50 -27.34 3.58
CA GLY A 33 3.25 -27.36 5.02
C GLY A 33 2.71 -28.69 5.53
N SER A 34 2.65 -29.71 4.70
CA SER A 34 2.18 -31.03 5.16
C SER A 34 3.31 -31.79 5.93
N PRO A 35 3.06 -32.61 6.99
CA PRO A 35 1.74 -33.02 7.54
C PRO A 35 0.97 -31.87 8.15
N CYS A 36 -0.31 -31.83 7.83
CA CYS A 36 -1.22 -30.77 8.26
C CYS A 36 -2.66 -31.35 8.28
N LYS A 37 -3.51 -30.76 9.13
CA LYS A 37 -4.91 -31.19 9.28
C LYS A 37 -5.75 -30.67 8.12
N ILE A 38 -6.56 -31.54 7.52
CA ILE A 38 -7.45 -31.12 6.44
C ILE A 38 -8.61 -30.30 7.00
N PRO A 39 -8.79 -29.02 6.57
CA PRO A 39 -9.93 -28.23 7.05
C PRO A 39 -11.20 -28.82 6.43
N PHE A 40 -12.11 -29.24 7.28
CA PHE A 40 -13.33 -29.93 6.91
C PHE A 40 -14.47 -29.43 7.77
N GLU A 41 -15.61 -29.14 7.15
CA GLU A 41 -16.82 -28.74 7.84
C GLU A 41 -18.01 -29.03 6.94
N ILE A 42 -19.16 -29.30 7.56
CA ILE A 42 -20.42 -29.48 6.87
C ILE A 42 -21.34 -28.33 7.30
N MET A 43 -21.90 -27.59 6.34
CA MET A 43 -22.79 -26.48 6.68
C MET A 43 -24.13 -26.59 6.03
N ASP A 44 -25.10 -25.79 6.51
CA ASP A 44 -26.40 -25.68 5.84
C ASP A 44 -26.14 -24.82 4.56
N LEU A 45 -27.13 -24.74 3.68
CA LEU A 45 -27.02 -24.04 2.40
C LEU A 45 -26.78 -22.54 2.54
N GLU A 46 -27.21 -21.96 3.65
CA GLU A 46 -27.02 -20.52 3.92
C GLU A 46 -25.64 -20.23 4.44
N LYS A 47 -24.84 -21.31 4.71
CA LYS A 47 -23.50 -21.23 5.29
C LYS A 47 -23.54 -20.46 6.63
N ARG A 48 -24.57 -20.71 7.45
CA ARG A 48 -24.72 -20.06 8.75
C ARG A 48 -24.47 -21.01 9.91
N HIS A 49 -24.73 -22.33 9.73
CA HIS A 49 -24.58 -23.32 10.79
C HIS A 49 -23.75 -24.51 10.38
N VAL A 50 -22.85 -24.93 11.28
CA VAL A 50 -22.01 -26.10 11.09
C VAL A 50 -22.88 -27.30 11.53
N LEU A 51 -22.98 -28.33 10.67
CA LEU A 51 -23.81 -29.53 10.92
C LEU A 51 -23.03 -30.82 10.71
N GLY A 52 -23.69 -31.94 11.02
CA GLY A 52 -23.14 -33.27 10.87
C GLY A 52 -21.91 -33.50 11.72
N ARG A 53 -21.14 -34.53 11.35
CA ARG A 53 -19.91 -34.93 12.06
C ARG A 53 -18.94 -35.69 11.18
N LEU A 54 -17.66 -35.47 11.46
CA LEU A 54 -16.56 -36.19 10.85
C LEU A 54 -16.49 -37.55 11.54
N ILE A 55 -16.34 -38.61 10.76
CA ILE A 55 -16.13 -39.94 11.34
C ILE A 55 -14.62 -40.19 11.35
N THR A 56 -13.92 -39.77 10.30
CA THR A 56 -12.47 -39.89 10.22
C THR A 56 -11.89 -39.07 11.35
N VAL A 57 -11.10 -39.75 12.19
CA VAL A 57 -10.41 -39.16 13.32
C VAL A 57 -9.24 -38.35 12.78
N ASN A 58 -9.31 -37.00 12.91
CA ASN A 58 -8.19 -36.09 12.55
C ASN A 58 -7.56 -36.36 11.13
N PRO A 59 -8.27 -36.07 10.01
CA PRO A 59 -7.68 -36.33 8.69
C PRO A 59 -6.45 -35.45 8.41
N ILE A 60 -5.31 -36.11 8.17
CA ILE A 60 -4.00 -35.48 7.98
C ILE A 60 -3.45 -35.83 6.61
N VAL A 61 -2.79 -34.87 5.95
CA VAL A 61 -2.10 -35.05 4.69
C VAL A 61 -0.74 -35.65 5.10
N THR A 62 -0.46 -36.89 4.69
CA THR A 62 0.79 -37.58 5.09
C THR A 62 1.67 -37.91 3.89
N GLU A 63 1.15 -37.78 2.66
CA GLU A 63 1.91 -38.16 1.45
C GLU A 63 1.78 -37.13 0.36
N LYS A 64 2.77 -37.13 -0.53
CA LYS A 64 2.84 -36.27 -1.70
C LYS A 64 2.01 -36.98 -2.77
N ASP A 65 1.15 -36.22 -3.47
CA ASP A 65 0.34 -36.71 -4.60
C ASP A 65 -0.44 -38.02 -4.35
N SER A 66 -0.99 -38.17 -3.13
CA SER A 66 -1.79 -39.34 -2.76
C SER A 66 -3.10 -38.90 -2.09
N PRO A 67 -4.23 -39.55 -2.43
CA PRO A 67 -5.51 -39.15 -1.83
C PRO A 67 -5.62 -39.47 -0.34
N VAL A 68 -6.46 -38.72 0.38
CA VAL A 68 -6.75 -38.94 1.79
C VAL A 68 -8.23 -39.26 1.85
N ASN A 69 -8.58 -40.33 2.55
CA ASN A 69 -9.98 -40.71 2.71
C ASN A 69 -10.61 -39.93 3.86
N ILE A 70 -11.83 -39.44 3.62
CA ILE A 70 -12.62 -38.74 4.60
C ILE A 70 -13.99 -39.39 4.64
N GLU A 71 -14.44 -39.78 5.84
CA GLU A 71 -15.78 -40.29 6.07
C GLU A 71 -16.49 -39.38 7.05
N ALA A 72 -17.74 -39.05 6.73
CA ALA A 72 -18.53 -38.14 7.57
C ALA A 72 -19.99 -38.56 7.61
N GLU A 73 -20.66 -38.17 8.68
CA GLU A 73 -22.08 -38.35 8.87
C GLU A 73 -22.74 -36.97 8.58
N PRO A 74 -23.29 -36.73 7.36
CA PRO A 74 -23.88 -35.42 7.09
C PRO A 74 -25.27 -35.29 7.76
N PRO A 75 -25.86 -34.08 7.90
CA PRO A 75 -27.25 -34.01 8.42
C PRO A 75 -28.22 -34.50 7.34
N PHE A 76 -29.47 -34.79 7.72
CA PHE A 76 -30.51 -35.12 6.75
C PHE A 76 -30.80 -33.88 5.91
N GLY A 77 -31.09 -34.11 4.63
CA GLY A 77 -31.42 -33.06 3.69
C GLY A 77 -30.21 -32.50 2.99
N ASP A 78 -30.30 -31.23 2.56
CA ASP A 78 -29.20 -30.59 1.85
C ASP A 78 -28.16 -29.99 2.76
N SER A 79 -26.90 -30.18 2.38
CA SER A 79 -25.78 -29.58 3.08
C SER A 79 -24.65 -29.33 2.12
N TYR A 80 -23.67 -28.55 2.57
CA TYR A 80 -22.45 -28.29 1.84
C TYR A 80 -21.35 -28.98 2.57
N ILE A 81 -20.53 -29.74 1.82
CA ILE A 81 -19.35 -30.41 2.33
C ILE A 81 -18.24 -29.47 1.89
N ILE A 82 -17.65 -28.77 2.85
CA ILE A 82 -16.65 -27.72 2.63
C ILE A 82 -15.26 -28.20 3.04
N ILE A 83 -14.32 -28.18 2.11
CA ILE A 83 -12.95 -28.68 2.37
C ILE A 83 -11.89 -27.66 1.95
N GLY A 84 -10.94 -27.41 2.86
CA GLY A 84 -9.82 -26.50 2.63
C GLY A 84 -10.19 -25.04 2.85
N VAL A 85 -9.15 -24.19 2.99
CA VAL A 85 -9.28 -22.75 3.19
C VAL A 85 -9.51 -22.06 1.83
N GLU A 86 -9.91 -20.80 1.87
CA GLU A 86 -10.10 -19.98 0.69
C GLU A 86 -8.73 -19.48 0.17
N PRO A 87 -8.56 -19.19 -1.14
CA PRO A 87 -9.56 -19.25 -2.23
C PRO A 87 -9.78 -20.60 -2.91
N GLY A 88 -9.02 -21.63 -2.53
CA GLY A 88 -9.17 -22.96 -3.14
C GLY A 88 -10.29 -23.85 -2.63
N GLN A 89 -10.95 -23.42 -1.56
CA GLN A 89 -12.00 -24.14 -0.88
C GLN A 89 -12.97 -24.91 -1.78
N LEU A 90 -13.12 -26.23 -1.49
CA LEU A 90 -14.08 -27.11 -2.17
C LEU A 90 -15.41 -26.95 -1.49
N LYS A 91 -16.47 -26.85 -2.28
CA LYS A 91 -17.82 -26.71 -1.73
C LYS A 91 -18.70 -27.69 -2.50
N LEU A 92 -18.97 -28.83 -1.87
CA LEU A 92 -19.69 -29.90 -2.50
C LEU A 92 -21.11 -30.04 -1.98
N ASN A 93 -22.09 -30.20 -2.88
CA ASN A 93 -23.49 -30.36 -2.47
C ASN A 93 -23.76 -31.80 -2.11
N TRP A 94 -24.57 -32.02 -1.09
CA TRP A 94 -24.96 -33.37 -0.74
C TRP A 94 -26.38 -33.35 -0.23
N PHE A 95 -27.17 -34.39 -0.55
CA PHE A 95 -28.52 -34.58 -0.06
C PHE A 95 -28.58 -35.94 0.63
N LYS A 96 -28.96 -35.96 1.92
CA LYS A 96 -29.11 -37.21 2.64
C LYS A 96 -30.63 -37.43 2.88
N LYS A 97 -31.17 -38.54 2.34
CA LYS A 97 -32.57 -38.91 2.49
C LYS A 97 -32.89 -39.36 3.94
N GLY A 98 -34.17 -39.25 4.32
CA GLY A 98 -34.66 -39.64 5.65
C GLY A 98 -34.87 -38.44 6.56
N SER A 99 -35.09 -38.72 7.85
CA SER A 99 -35.30 -37.72 8.90
C SER A 99 -35.02 -38.37 10.25
N SER A 100 -34.96 -37.57 11.33
CA SER A 100 -34.71 -38.10 12.69
C SER A 100 -35.95 -37.99 13.58
N GLN B 1 14.15 -15.93 0.49
CA GLN B 1 14.48 -15.76 -0.92
C GLN B 1 13.21 -15.53 -1.79
N VAL B 2 12.01 -15.53 -1.16
CA VAL B 2 10.74 -15.30 -1.85
C VAL B 2 10.73 -13.86 -2.38
N GLN B 3 10.54 -13.72 -3.70
CA GLN B 3 10.51 -12.44 -4.39
C GLN B 3 9.44 -12.39 -5.47
N LEU B 4 8.79 -11.23 -5.62
CA LEU B 4 7.79 -10.98 -6.66
C LEU B 4 8.19 -9.65 -7.33
N GLN B 5 8.72 -9.72 -8.57
CA GLN B 5 9.17 -8.54 -9.30
C GLN B 5 8.12 -8.13 -10.30
N GLN B 6 7.57 -6.93 -10.11
CA GLN B 6 6.50 -6.37 -10.94
C GLN B 6 7.01 -5.47 -12.07
N SER B 7 6.22 -5.37 -13.16
CA SER B 7 6.63 -4.53 -14.31
C SER B 7 6.52 -3.01 -14.00
N GLY B 8 7.14 -2.18 -14.82
CA GLY B 8 7.18 -0.73 -14.58
C GLY B 8 5.85 -0.01 -14.74
N ALA B 9 5.77 1.21 -14.16
CA ALA B 9 4.64 2.13 -14.26
C ALA B 9 4.20 2.26 -15.73
N GLU B 10 2.89 2.33 -15.96
CA GLU B 10 2.37 2.43 -17.32
C GLU B 10 1.29 3.51 -17.45
N VAL B 11 1.25 4.11 -18.64
CA VAL B 11 0.22 5.08 -19.03
C VAL B 11 -0.58 4.36 -20.10
N ALA B 12 -1.91 4.45 -20.02
CA ALA B 12 -2.76 3.86 -21.05
C ALA B 12 -3.89 4.81 -21.34
N ARG B 13 -4.26 4.95 -22.60
CA ARG B 13 -5.36 5.81 -23.03
C ARG B 13 -6.72 5.27 -22.52
N PRO B 14 -7.72 6.14 -22.29
CA PRO B 14 -9.05 5.63 -21.87
C PRO B 14 -9.65 4.71 -22.95
N GLY B 15 -10.15 3.55 -22.56
CA GLY B 15 -10.73 2.55 -23.46
C GLY B 15 -9.73 1.53 -23.98
N ALA B 16 -8.43 1.72 -23.69
CA ALA B 16 -7.37 0.81 -24.12
C ALA B 16 -7.18 -0.30 -23.08
N SER B 17 -6.18 -1.16 -23.27
CA SER B 17 -5.89 -2.24 -22.33
C SER B 17 -4.44 -2.22 -21.94
N VAL B 18 -4.11 -2.84 -20.80
CA VAL B 18 -2.73 -3.01 -20.33
C VAL B 18 -2.60 -4.42 -19.80
N LYS B 19 -1.39 -4.96 -19.90
CA LYS B 19 -1.08 -6.28 -19.36
C LYS B 19 0.12 -6.12 -18.48
N LEU B 20 -0.06 -6.38 -17.18
CA LEU B 20 0.96 -6.24 -16.16
C LEU B 20 1.58 -7.56 -15.79
N SER B 21 2.88 -7.59 -15.46
CA SER B 21 3.56 -8.83 -15.11
C SER B 21 4.07 -8.87 -13.66
N CYS B 22 4.17 -10.08 -13.11
CA CYS B 22 4.64 -10.31 -11.75
C CYS B 22 5.50 -11.57 -11.77
N LYS B 23 6.80 -11.39 -11.76
CA LYS B 23 7.73 -12.53 -11.83
C LYS B 23 8.08 -13.02 -10.47
N ALA B 24 7.75 -14.28 -10.19
CA ALA B 24 8.07 -14.90 -8.92
C ALA B 24 9.38 -15.66 -8.94
N SER B 25 10.08 -15.67 -7.81
CA SER B 25 11.28 -16.47 -7.60
C SER B 25 11.40 -16.85 -6.14
N GLY B 26 12.17 -17.88 -5.84
CA GLY B 26 12.46 -18.29 -4.47
C GLY B 26 11.50 -19.25 -3.79
N TYR B 27 10.52 -19.78 -4.54
CA TYR B 27 9.53 -20.75 -4.05
C TYR B 27 8.90 -21.53 -5.22
N THR B 28 8.15 -22.61 -4.91
CA THR B 28 7.46 -23.40 -5.92
C THR B 28 6.20 -22.61 -6.34
N PHE B 29 6.32 -21.88 -7.46
CA PHE B 29 5.30 -21.01 -8.06
C PHE B 29 3.92 -21.68 -8.20
N THR B 30 3.92 -22.98 -8.51
CA THR B 30 2.72 -23.79 -8.73
C THR B 30 2.06 -24.30 -7.44
N SER B 31 2.64 -24.01 -6.26
CA SER B 31 2.15 -24.52 -4.98
C SER B 31 1.43 -23.51 -4.08
N TYR B 32 1.18 -22.27 -4.58
CA TYR B 32 0.55 -21.21 -3.81
C TYR B 32 -0.33 -20.37 -4.71
N TRP B 33 -1.38 -19.74 -4.16
CA TRP B 33 -2.18 -18.83 -4.96
C TRP B 33 -1.37 -17.53 -5.08
N LEU B 34 -1.43 -16.93 -6.27
CA LEU B 34 -0.80 -15.66 -6.56
C LEU B 34 -1.97 -14.72 -6.72
N GLN B 35 -2.04 -13.71 -5.86
CA GLN B 35 -3.19 -12.81 -5.78
C GLN B 35 -2.88 -11.39 -6.22
N TRP B 36 -3.91 -10.65 -6.60
CA TRP B 36 -3.79 -9.27 -7.07
C TRP B 36 -4.64 -8.37 -6.22
N VAL B 37 -4.07 -7.25 -5.85
CA VAL B 37 -4.70 -6.26 -4.95
C VAL B 37 -4.54 -4.88 -5.60
N LYS B 38 -5.63 -4.12 -5.62
CA LYS B 38 -5.70 -2.78 -6.18
C LYS B 38 -5.75 -1.73 -5.08
N GLN B 39 -5.03 -0.62 -5.29
CA GLN B 39 -5.03 0.51 -4.38
C GLN B 39 -5.10 1.82 -5.22
N ARG B 40 -6.26 2.49 -5.22
CA ARG B 40 -6.43 3.80 -5.90
C ARG B 40 -5.65 4.88 -5.11
N PRO B 41 -5.15 5.98 -5.75
CA PRO B 41 -4.33 6.97 -5.00
C PRO B 41 -5.04 7.53 -3.76
N GLY B 42 -4.34 7.48 -2.62
CA GLY B 42 -4.84 7.92 -1.31
C GLY B 42 -6.00 7.10 -0.79
N GLN B 43 -6.21 5.92 -1.35
CA GLN B 43 -7.33 5.05 -0.97
C GLN B 43 -6.86 3.74 -0.32
N GLY B 44 -7.84 2.88 0.01
CA GLY B 44 -7.64 1.57 0.63
C GLY B 44 -7.32 0.45 -0.33
N LEU B 45 -7.33 -0.78 0.17
CA LEU B 45 -7.00 -1.99 -0.58
C LEU B 45 -8.23 -2.77 -1.02
N GLU B 46 -8.21 -3.26 -2.24
CA GLU B 46 -9.28 -4.11 -2.78
C GLU B 46 -8.73 -5.32 -3.47
N TRP B 47 -9.21 -6.47 -3.05
CA TRP B 47 -8.79 -7.78 -3.57
C TRP B 47 -9.47 -7.99 -4.93
N ILE B 48 -8.67 -8.24 -5.97
CA ILE B 48 -9.15 -8.47 -7.33
C ILE B 48 -9.49 -9.96 -7.51
N GLY B 49 -8.54 -10.81 -7.16
CA GLY B 49 -8.65 -12.25 -7.31
C GLY B 49 -7.35 -12.98 -7.12
N ALA B 50 -7.37 -14.28 -7.39
CA ALA B 50 -6.23 -15.17 -7.24
C ALA B 50 -6.14 -16.18 -8.40
N ILE B 51 -4.92 -16.62 -8.69
CA ILE B 51 -4.65 -17.65 -9.69
C ILE B 51 -3.79 -18.73 -9.06
N TRP B 52 -4.07 -20.00 -9.34
CA TRP B 52 -3.24 -21.09 -8.88
C TRP B 52 -2.45 -21.54 -10.13
N PRO B 53 -1.16 -21.14 -10.27
CA PRO B 53 -0.42 -21.47 -11.52
C PRO B 53 -0.25 -22.96 -11.85
N GLY B 54 -0.42 -23.83 -10.85
CA GLY B 54 -0.33 -25.28 -11.02
C GLY B 54 -1.39 -25.87 -11.93
N ASP B 55 -2.56 -25.23 -12.03
CA ASP B 55 -3.65 -25.73 -12.88
C ASP B 55 -4.47 -24.61 -13.55
N ASP B 56 -4.07 -23.33 -13.37
CA ASP B 56 -4.75 -22.16 -13.94
C ASP B 56 -6.15 -21.89 -13.41
N ASP B 57 -6.43 -22.39 -12.19
CA ASP B 57 -7.69 -22.12 -11.49
C ASP B 57 -7.63 -20.67 -11.05
N THR B 58 -8.77 -19.98 -11.11
CA THR B 58 -8.91 -18.59 -10.73
C THR B 58 -10.15 -18.42 -9.86
N ARG B 59 -10.12 -17.40 -8.98
CA ARG B 59 -11.24 -16.97 -8.15
C ARG B 59 -11.18 -15.47 -8.31
N TYR B 60 -12.28 -14.85 -8.76
CA TYR B 60 -12.32 -13.42 -8.98
C TYR B 60 -13.29 -12.78 -7.99
N ALA B 61 -13.07 -11.50 -7.65
CA ALA B 61 -14.06 -10.69 -6.96
C ALA B 61 -14.99 -10.32 -8.16
N GLN B 62 -16.29 -10.50 -8.00
CA GLN B 62 -17.29 -10.26 -9.03
C GLN B 62 -17.15 -8.91 -9.76
N LYS B 63 -16.83 -7.83 -9.02
CA LYS B 63 -16.69 -6.50 -9.59
C LYS B 63 -15.53 -6.31 -10.58
N PHE B 64 -14.56 -7.23 -10.60
CA PHE B 64 -13.43 -7.18 -11.53
C PHE B 64 -13.56 -8.14 -12.69
N GLN B 65 -14.59 -9.01 -12.67
CA GLN B 65 -14.81 -10.02 -13.71
C GLN B 65 -14.76 -9.53 -15.15
N GLY B 66 -15.52 -8.49 -15.46
CA GLY B 66 -15.47 -7.98 -16.83
C GLY B 66 -14.28 -7.07 -17.09
N LYS B 67 -13.49 -6.76 -16.05
CA LYS B 67 -12.38 -5.81 -16.08
C LYS B 67 -11.00 -6.45 -16.13
N ALA B 68 -10.77 -7.44 -15.27
CA ALA B 68 -9.47 -8.07 -15.10
C ALA B 68 -9.43 -9.48 -15.58
N THR B 69 -8.30 -9.87 -16.17
CA THR B 69 -8.04 -11.23 -16.64
C THR B 69 -6.67 -11.63 -16.13
N MET B 70 -6.66 -12.66 -15.29
CA MET B 70 -5.47 -13.22 -14.67
C MET B 70 -5.04 -14.43 -15.43
N THR B 71 -3.73 -14.50 -15.71
CA THR B 71 -3.10 -15.64 -16.39
C THR B 71 -1.78 -15.90 -15.71
N ALA B 72 -1.19 -17.06 -15.98
CA ALA B 72 0.08 -17.44 -15.37
C ALA B 72 0.79 -18.36 -16.31
N ASP B 73 2.11 -18.24 -16.34
CA ASP B 73 2.97 -19.07 -17.17
C ASP B 73 3.93 -19.81 -16.26
N LYS B 74 3.78 -21.15 -16.19
CA LYS B 74 4.57 -22.07 -15.37
C LYS B 74 6.06 -21.92 -15.65
N SER B 75 6.43 -21.95 -16.94
CA SER B 75 7.77 -21.90 -17.51
C SER B 75 8.61 -20.70 -17.02
N SER B 76 8.07 -19.48 -17.16
CA SER B 76 8.73 -18.25 -16.75
C SER B 76 8.43 -17.84 -15.30
N SER B 77 7.69 -18.68 -14.53
CA SER B 77 7.26 -18.37 -13.15
C SER B 77 6.63 -16.95 -13.06
N THR B 78 5.85 -16.59 -14.08
CA THR B 78 5.26 -15.26 -14.19
C THR B 78 3.74 -15.26 -14.23
N ALA B 79 3.16 -14.35 -13.44
CA ALA B 79 1.73 -14.12 -13.40
C ALA B 79 1.45 -12.80 -14.14
N TYR B 80 0.31 -12.72 -14.83
CA TYR B 80 -0.05 -11.52 -15.56
C TYR B 80 -1.44 -11.07 -15.21
N ILE B 81 -1.70 -9.77 -15.35
CA ILE B 81 -3.05 -9.26 -15.20
C ILE B 81 -3.34 -8.32 -16.37
N GLN B 82 -4.40 -8.59 -17.13
CA GLN B 82 -4.83 -7.71 -18.21
C GLN B 82 -6.03 -6.89 -17.78
N LEU B 83 -5.94 -5.58 -17.93
CA LEU B 83 -7.01 -4.67 -17.54
C LEU B 83 -7.54 -4.08 -18.82
N SER B 84 -8.83 -4.27 -19.07
CA SER B 84 -9.55 -3.89 -20.29
C SER B 84 -10.35 -2.61 -20.14
N ASN B 85 -10.78 -2.04 -21.29
CA ASN B 85 -11.64 -0.86 -21.42
C ASN B 85 -11.40 0.13 -20.29
N LEU B 86 -10.14 0.57 -20.20
CA LEU B 86 -9.63 1.44 -19.14
C LEU B 86 -10.36 2.75 -18.95
N ALA B 87 -10.68 3.05 -17.70
CA ALA B 87 -11.36 4.28 -17.30
C ALA B 87 -10.57 4.89 -16.14
N SER B 88 -10.84 6.17 -15.79
CA SER B 88 -10.12 6.88 -14.72
C SER B 88 -10.08 6.13 -13.36
N GLU B 89 -11.15 5.33 -13.08
CA GLU B 89 -11.32 4.52 -11.87
C GLU B 89 -10.28 3.38 -11.81
N ASP B 90 -9.64 3.08 -12.95
CA ASP B 90 -8.64 2.01 -13.06
C ASP B 90 -7.24 2.49 -12.73
N SER B 91 -7.00 3.83 -12.72
CA SER B 91 -5.71 4.42 -12.33
C SER B 91 -5.49 4.05 -10.84
N ALA B 92 -4.42 3.27 -10.58
CA ALA B 92 -4.13 2.73 -9.25
C ALA B 92 -2.81 2.00 -9.27
N VAL B 93 -2.36 1.57 -8.09
CA VAL B 93 -1.21 0.71 -7.94
C VAL B 93 -1.81 -0.69 -7.86
N TYR B 94 -1.23 -1.62 -8.63
CA TYR B 94 -1.62 -3.03 -8.68
C TYR B 94 -0.52 -3.87 -8.10
N TYR B 95 -0.82 -4.55 -7.00
CA TYR B 95 0.12 -5.42 -6.32
C TYR B 95 -0.18 -6.86 -6.61
N CYS B 96 0.88 -7.64 -6.73
CA CYS B 96 0.77 -9.08 -6.77
C CYS B 96 1.33 -9.52 -5.41
N ALA B 97 0.79 -10.63 -4.88
CA ALA B 97 1.16 -11.13 -3.58
C ALA B 97 0.98 -12.62 -3.52
N ARG B 98 1.88 -13.28 -2.80
CA ARG B 98 1.77 -14.70 -2.62
C ARG B 98 0.94 -15.00 -1.36
N LYS B 99 -0.04 -15.94 -1.45
CA LYS B 99 -0.77 -16.41 -0.27
C LYS B 99 0.03 -17.60 0.25
N GLY B 100 1.14 -17.32 0.92
CA GLY B 100 2.06 -18.35 1.41
C GLY B 100 1.46 -19.33 2.40
N GLY B 101 0.56 -18.80 3.21
CA GLY B 101 -0.12 -19.55 4.26
C GLY B 101 -1.56 -19.15 4.35
N PHE B 102 -1.97 -18.66 5.53
CA PHE B 102 -3.34 -18.21 5.83
C PHE B 102 -3.67 -16.84 5.20
N ALA B 103 -2.64 -16.09 4.82
CA ALA B 103 -2.79 -14.72 4.29
C ALA B 103 -1.65 -14.38 3.30
N MET B 104 -1.58 -13.11 2.82
CA MET B 104 -0.55 -12.72 1.85
C MET B 104 0.76 -12.33 2.57
N ASP B 105 1.74 -13.25 2.55
CA ASP B 105 3.02 -13.07 3.27
C ASP B 105 4.06 -12.31 2.47
N TYR B 106 4.11 -12.55 1.14
CA TYR B 106 5.05 -11.84 0.28
C TYR B 106 4.34 -11.04 -0.78
N TRP B 107 4.74 -9.78 -0.94
CA TRP B 107 4.14 -8.84 -1.88
C TRP B 107 5.16 -8.31 -2.90
N GLY B 108 4.69 -8.01 -4.10
CA GLY B 108 5.49 -7.33 -5.12
C GLY B 108 5.50 -5.85 -4.76
N GLN B 109 6.37 -5.06 -5.41
CA GLN B 109 6.50 -3.62 -5.10
C GLN B 109 5.35 -2.74 -5.67
N GLY B 110 4.49 -3.35 -6.49
CA GLY B 110 3.37 -2.66 -7.13
C GLY B 110 3.73 -2.06 -8.48
N THR B 111 2.73 -2.03 -9.38
CA THR B 111 2.80 -1.43 -10.71
C THR B 111 1.72 -0.36 -10.78
N SER B 112 2.15 0.87 -11.08
CA SER B 112 1.27 2.01 -11.20
C SER B 112 0.68 2.11 -12.59
N VAL B 113 -0.64 2.26 -12.68
CA VAL B 113 -1.33 2.43 -13.94
C VAL B 113 -1.99 3.81 -13.93
N THR B 114 -1.64 4.64 -14.91
CA THR B 114 -2.24 5.96 -15.10
C THR B 114 -3.06 5.91 -16.38
N VAL B 115 -4.38 6.05 -16.24
CA VAL B 115 -5.30 6.04 -17.38
C VAL B 115 -5.47 7.50 -17.81
N SER B 116 -4.87 7.84 -18.94
CA SER B 116 -4.84 9.24 -19.40
C SER B 116 -4.53 9.35 -20.87
N SER B 117 -5.02 10.43 -21.49
CA SER B 117 -4.68 10.66 -22.89
C SER B 117 -3.51 11.65 -22.99
N ALA B 118 -3.00 12.12 -21.83
CA ALA B 118 -1.85 13.04 -21.75
C ALA B 118 -0.57 12.42 -22.31
N LYS B 119 0.26 13.29 -22.86
CA LYS B 119 1.51 12.92 -23.51
C LYS B 119 2.69 13.04 -22.57
N THR B 120 3.66 12.15 -22.73
CA THR B 120 4.90 12.11 -21.97
C THR B 120 5.69 13.38 -22.26
N THR B 121 6.12 14.07 -21.18
CA THR B 121 6.89 15.31 -21.28
C THR B 121 7.97 15.37 -20.22
N PRO B 122 9.19 15.81 -20.57
CA PRO B 122 10.27 15.84 -19.55
C PRO B 122 10.16 17.04 -18.60
N PRO B 123 10.68 16.97 -17.36
CA PRO B 123 10.64 18.15 -16.50
C PRO B 123 11.73 19.16 -16.84
N SER B 124 11.59 20.36 -16.28
CA SER B 124 12.59 21.40 -16.22
C SER B 124 13.05 21.31 -14.76
N VAL B 125 14.35 21.43 -14.52
CA VAL B 125 14.93 21.35 -13.18
C VAL B 125 15.56 22.68 -12.83
N TYR B 126 15.09 23.29 -11.75
CA TYR B 126 15.54 24.61 -11.32
C TYR B 126 16.23 24.55 -9.99
N PRO B 127 17.38 25.27 -9.86
CA PRO B 127 18.09 25.27 -8.57
C PRO B 127 17.40 26.26 -7.64
N LEU B 128 17.37 25.94 -6.35
CA LEU B 128 16.78 26.82 -5.35
C LEU B 128 17.93 27.19 -4.39
N ALA B 129 18.53 28.37 -4.62
CA ALA B 129 19.63 28.94 -3.81
C ALA B 129 19.09 30.05 -2.91
N PRO B 130 19.57 30.18 -1.67
CA PRO B 130 19.09 31.28 -0.79
C PRO B 130 19.20 32.66 -1.44
N GLY B 131 18.13 33.46 -1.29
CA GLY B 131 18.06 34.83 -1.81
C GLY B 131 18.79 35.83 -0.93
N ASN B 137 23.05 30.68 8.15
CA ASN B 137 23.76 30.73 9.43
C ASN B 137 23.74 29.34 10.08
N SER B 138 24.95 28.77 10.33
CA SER B 138 25.22 27.44 10.88
C SER B 138 24.80 26.30 9.91
N MET B 139 23.54 26.32 9.45
CA MET B 139 22.99 25.34 8.50
C MET B 139 22.23 26.03 7.38
N VAL B 140 22.54 25.65 6.13
CA VAL B 140 21.88 26.18 4.93
C VAL B 140 20.96 25.16 4.25
N THR B 141 19.74 25.60 3.88
CA THR B 141 18.80 24.78 3.14
C THR B 141 18.82 25.22 1.69
N LEU B 142 19.01 24.22 0.81
CA LEU B 142 19.05 24.36 -0.65
C LEU B 142 17.93 23.48 -1.19
N GLY B 143 17.63 23.62 -2.47
CA GLY B 143 16.61 22.80 -3.08
C GLY B 143 16.62 22.69 -4.59
N CYS B 144 15.71 21.88 -5.13
CA CYS B 144 15.52 21.71 -6.56
C CYS B 144 14.03 21.67 -6.89
N LEU B 145 13.62 22.41 -7.90
CA LEU B 145 12.25 22.44 -8.40
C LEU B 145 12.21 21.63 -9.71
N VAL B 146 11.38 20.60 -9.74
CA VAL B 146 11.23 19.65 -10.85
C VAL B 146 9.83 19.90 -11.38
N LYS B 147 9.74 20.74 -12.41
CA LYS B 147 8.51 21.25 -12.90
C LYS B 147 8.04 20.71 -14.22
N GLY B 148 6.73 20.47 -14.30
CA GLY B 148 6.00 20.17 -15.52
C GLY B 148 6.32 18.88 -16.23
N TYR B 149 6.28 17.78 -15.51
CA TYR B 149 6.53 16.49 -16.14
C TYR B 149 5.29 15.56 -16.15
N PHE B 150 5.32 14.57 -17.03
CA PHE B 150 4.31 13.55 -17.15
C PHE B 150 4.94 12.33 -17.82
N PRO B 151 4.65 11.10 -17.35
CA PRO B 151 3.91 10.74 -16.11
C PRO B 151 4.83 10.68 -14.89
N GLU B 152 4.28 10.24 -13.75
CA GLU B 152 5.06 9.93 -12.56
C GLU B 152 5.82 8.59 -12.85
N PRO B 153 6.96 8.29 -12.21
CA PRO B 153 7.68 9.08 -11.21
C PRO B 153 8.92 9.75 -11.79
N VAL B 154 9.54 10.54 -10.94
CA VAL B 154 10.88 11.07 -11.09
C VAL B 154 11.65 10.54 -9.85
N THR B 155 12.97 10.47 -9.96
CA THR B 155 13.86 10.11 -8.88
C THR B 155 14.70 11.35 -8.60
N VAL B 156 14.85 11.74 -7.33
CA VAL B 156 15.69 12.87 -6.93
C VAL B 156 16.71 12.36 -5.93
N THR B 157 18.01 12.58 -6.23
CA THR B 157 19.14 12.30 -5.32
C THR B 157 19.99 13.58 -5.18
N TRP B 158 20.85 13.61 -4.15
CA TRP B 158 21.76 14.72 -3.87
C TRP B 158 23.17 14.18 -3.80
N ASN B 159 24.09 14.79 -4.60
CA ASN B 159 25.50 14.37 -4.72
C ASN B 159 25.62 12.86 -4.99
N SER B 160 24.83 12.36 -5.98
CA SER B 160 24.75 10.96 -6.42
C SER B 160 24.36 9.99 -5.29
N GLY B 161 23.66 10.52 -4.27
CA GLY B 161 23.23 9.77 -3.11
C GLY B 161 24.10 9.91 -1.88
N SER B 162 25.21 10.71 -1.97
CA SER B 162 26.13 10.93 -0.85
C SER B 162 25.50 11.80 0.25
N LEU B 163 24.51 12.65 -0.13
CA LEU B 163 23.75 13.47 0.81
C LEU B 163 22.36 12.86 0.88
N SER B 164 22.08 12.10 1.95
CA SER B 164 20.81 11.41 2.17
C SER B 164 20.10 11.95 3.40
N SER B 165 20.87 12.31 4.43
CA SER B 165 20.33 12.87 5.66
C SER B 165 19.96 14.33 5.46
N GLY B 166 18.85 14.75 6.07
CA GLY B 166 18.37 16.11 5.96
C GLY B 166 17.71 16.45 4.63
N VAL B 167 17.38 15.40 3.82
CA VAL B 167 16.72 15.53 2.52
C VAL B 167 15.21 15.40 2.71
N HIS B 168 14.43 16.27 2.05
CA HIS B 168 12.97 16.20 1.98
C HIS B 168 12.54 16.32 0.54
N THR B 169 12.15 15.20 -0.06
CA THR B 169 11.65 15.12 -1.43
C THR B 169 10.13 15.03 -1.28
N PHE B 170 9.45 16.09 -1.72
CA PHE B 170 8.01 16.28 -1.56
C PHE B 170 7.17 15.56 -2.58
N PRO B 171 5.97 15.01 -2.19
CA PRO B 171 5.12 14.32 -3.19
C PRO B 171 4.75 15.30 -4.29
N ALA B 172 4.71 14.84 -5.56
CA ALA B 172 4.36 15.70 -6.69
C ALA B 172 2.94 16.21 -6.61
N VAL B 173 2.69 17.38 -7.17
CA VAL B 173 1.38 18.00 -7.26
C VAL B 173 1.00 18.01 -8.76
N LEU B 174 -0.24 17.68 -9.05
CA LEU B 174 -0.72 17.61 -10.41
C LEU B 174 -1.61 18.79 -10.76
N GLN B 175 -1.27 19.51 -11.85
CA GLN B 175 -2.04 20.65 -12.36
C GLN B 175 -1.81 20.79 -13.86
N SER B 176 -2.90 20.87 -14.63
CA SER B 176 -2.93 21.01 -16.09
C SER B 176 -2.19 19.86 -16.78
N ASP B 177 -2.53 18.61 -16.36
CA ASP B 177 -1.97 17.35 -16.85
C ASP B 177 -0.48 17.21 -16.58
N LEU B 178 0.09 18.06 -15.71
CA LEU B 178 1.53 18.06 -15.41
C LEU B 178 1.83 17.94 -13.93
N TYR B 179 2.92 17.22 -13.60
CA TYR B 179 3.37 17.09 -12.22
C TYR B 179 4.50 18.06 -11.94
N THR B 180 4.53 18.58 -10.70
CA THR B 180 5.56 19.47 -10.21
C THR B 180 5.96 18.93 -8.84
N LEU B 181 7.26 18.87 -8.60
CA LEU B 181 7.79 18.36 -7.35
C LEU B 181 8.96 19.24 -6.91
N SER B 182 9.25 19.23 -5.62
CA SER B 182 10.40 19.93 -5.05
C SER B 182 11.14 19.02 -4.07
N SER B 183 12.44 19.26 -3.93
CA SER B 183 13.30 18.55 -2.99
C SER B 183 14.20 19.54 -2.28
N SER B 184 14.35 19.39 -0.96
CA SER B 184 15.22 20.24 -0.18
C SER B 184 16.33 19.41 0.46
N VAL B 185 17.52 20.02 0.61
CA VAL B 185 18.66 19.44 1.30
C VAL B 185 19.22 20.49 2.27
N THR B 186 19.58 20.04 3.47
CA THR B 186 20.17 20.89 4.51
C THR B 186 21.59 20.43 4.77
N VAL B 187 22.54 21.36 4.69
CA VAL B 187 23.96 21.10 4.89
C VAL B 187 24.55 22.13 5.86
N PRO B 188 25.74 21.88 6.47
CA PRO B 188 26.35 22.92 7.31
C PRO B 188 26.79 24.10 6.44
N SER B 189 26.69 25.32 6.98
CA SER B 189 27.08 26.56 6.29
C SER B 189 28.57 26.59 5.91
N SER B 190 29.44 25.94 6.73
CA SER B 190 30.88 25.83 6.47
C SER B 190 31.17 25.08 5.16
N THR B 191 30.36 24.05 4.85
CA THR B 191 30.48 23.23 3.65
C THR B 191 30.02 23.90 2.33
N TRP B 192 29.05 24.83 2.39
CA TRP B 192 28.56 25.44 1.16
C TRP B 192 28.96 26.91 0.99
N PRO B 193 29.55 27.34 -0.16
CA PRO B 193 29.79 26.62 -1.43
C PRO B 193 31.15 25.92 -1.64
N SER B 194 32.03 25.80 -0.61
CA SER B 194 33.34 25.12 -0.77
C SER B 194 33.17 23.69 -1.32
N GLU B 195 32.17 22.97 -0.79
CA GLU B 195 31.79 21.63 -1.25
C GLU B 195 30.54 21.82 -2.11
N THR B 196 30.56 21.23 -3.30
CA THR B 196 29.47 21.34 -4.26
C THR B 196 28.23 20.56 -3.83
N VAL B 197 27.05 21.11 -4.12
CA VAL B 197 25.74 20.51 -3.87
C VAL B 197 25.04 20.38 -5.24
N THR B 198 24.74 19.13 -5.64
CA THR B 198 24.12 18.82 -6.91
C THR B 198 22.92 17.88 -6.78
N CYS B 199 21.75 18.30 -7.29
CA CYS B 199 20.59 17.40 -7.27
C CYS B 199 20.57 16.62 -8.59
N ASN B 200 20.30 15.33 -8.49
CA ASN B 200 20.30 14.43 -9.65
C ASN B 200 18.85 14.01 -9.87
N VAL B 201 18.25 14.50 -10.97
CA VAL B 201 16.85 14.24 -11.32
C VAL B 201 16.72 13.27 -12.51
N ALA B 202 16.02 12.15 -12.29
CA ALA B 202 15.76 11.20 -13.37
C ALA B 202 14.27 11.12 -13.65
N HIS B 203 13.88 11.19 -14.93
CA HIS B 203 12.51 11.00 -15.38
C HIS B 203 12.56 9.86 -16.40
N PRO B 204 12.40 8.61 -15.92
CA PRO B 204 12.55 7.46 -16.83
C PRO B 204 11.65 7.43 -18.06
N ALA B 205 10.39 7.91 -17.95
CA ALA B 205 9.47 7.87 -19.09
C ALA B 205 9.91 8.71 -20.32
N SER B 206 10.66 9.81 -20.09
CA SER B 206 11.19 10.68 -21.15
C SER B 206 12.70 10.49 -21.34
N SER B 207 13.32 9.48 -20.67
CA SER B 207 14.75 9.16 -20.68
C SER B 207 15.57 10.40 -20.37
N THR B 208 15.22 11.05 -19.26
CA THR B 208 15.83 12.29 -18.80
C THR B 208 16.64 12.06 -17.53
N LYS B 209 17.85 12.55 -17.53
CA LYS B 209 18.77 12.54 -16.40
C LYS B 209 19.42 13.91 -16.41
N VAL B 210 19.07 14.72 -15.40
CA VAL B 210 19.56 16.09 -15.26
C VAL B 210 20.31 16.25 -13.92
N ASP B 211 21.53 16.81 -13.98
CA ASP B 211 22.33 17.13 -12.78
C ASP B 211 22.34 18.64 -12.64
N LYS B 212 21.79 19.15 -11.53
CA LYS B 212 21.69 20.59 -11.30
C LYS B 212 22.54 21.10 -10.13
N LYS B 213 23.65 21.79 -10.44
CA LYS B 213 24.53 22.36 -9.44
C LYS B 213 23.92 23.62 -8.84
N ILE B 214 23.91 23.68 -7.50
CA ILE B 214 23.40 24.83 -6.76
C ILE B 214 24.53 25.82 -6.49
N GLU B 215 24.44 26.96 -7.16
CA GLU B 215 25.42 28.05 -7.15
C GLU B 215 24.90 29.21 -6.28
N PRO B 216 25.76 29.86 -5.45
CA PRO B 216 25.28 30.98 -4.65
C PRO B 216 24.89 32.16 -5.53
N ARG B 217 23.74 32.78 -5.24
CA ARG B 217 23.20 33.91 -5.98
C ARG B 217 24.15 35.11 -5.98
N ASP B 218 24.48 35.60 -4.79
CA ASP B 218 25.38 36.75 -4.61
C ASP B 218 24.72 38.11 -4.68
N ASN C 1 -21.22 -9.84 0.66
CA ASN C 1 -19.85 -9.51 1.03
C ASN C 1 -19.74 -9.10 2.50
N ILE C 2 -18.63 -9.48 3.16
CA ILE C 2 -18.35 -9.11 4.55
C ILE C 2 -17.74 -7.71 4.58
N VAL C 3 -18.27 -6.85 5.46
CA VAL C 3 -17.76 -5.51 5.65
C VAL C 3 -16.86 -5.55 6.89
N MET C 4 -15.63 -5.06 6.76
CA MET C 4 -14.67 -4.98 7.86
C MET C 4 -14.63 -3.49 8.27
N THR C 5 -15.15 -3.15 9.47
CA THR C 5 -15.23 -1.75 9.91
C THR C 5 -14.09 -1.46 10.85
N GLN C 6 -13.17 -0.57 10.46
CA GLN C 6 -12.03 -0.20 11.29
C GLN C 6 -12.29 1.03 12.13
N SER C 7 -11.84 1.01 13.40
CA SER C 7 -12.03 2.15 14.29
C SER C 7 -10.84 2.34 15.22
N PRO C 8 -10.39 3.60 15.42
CA PRO C 8 -10.82 4.83 14.74
C PRO C 8 -10.17 4.93 13.34
N THR C 9 -10.54 5.95 12.56
CA THR C 9 -9.98 6.21 11.22
C THR C 9 -8.49 6.60 11.33
N SER C 10 -8.16 7.33 12.42
CA SER C 10 -6.82 7.78 12.77
C SER C 10 -6.71 7.97 14.27
N LEU C 11 -5.48 7.89 14.78
CA LEU C 11 -5.13 8.11 16.17
C LEU C 11 -3.68 8.52 16.33
N ALA C 12 -3.40 9.35 17.35
CA ALA C 12 -2.07 9.82 17.66
C ALA C 12 -1.67 9.21 19.01
N VAL C 13 -0.55 8.49 19.01
CA VAL C 13 -0.09 7.82 20.21
C VAL C 13 1.35 8.25 20.53
N SER C 14 1.63 8.55 21.80
CA SER C 14 2.95 8.97 22.26
C SER C 14 3.95 7.80 22.23
N LEU C 15 5.23 8.13 22.01
CA LEU C 15 6.33 7.16 21.99
C LEU C 15 6.40 6.36 23.30
N GLY C 16 6.35 5.05 23.20
CA GLY C 16 6.41 4.17 24.36
C GLY C 16 5.05 3.78 24.89
N GLN C 17 3.96 4.47 24.47
CA GLN C 17 2.59 4.16 24.90
C GLN C 17 2.03 2.90 24.18
N ARG C 18 0.79 2.53 24.53
CA ARG C 18 0.03 1.40 24.02
C ARG C 18 -1.02 1.93 23.02
N ALA C 19 -1.12 1.32 21.82
CA ALA C 19 -2.10 1.71 20.79
C ALA C 19 -2.99 0.50 20.50
N THR C 20 -4.31 0.70 20.51
CA THR C 20 -5.27 -0.34 20.24
C THR C 20 -6.21 0.12 19.18
N ILE C 21 -6.29 -0.67 18.09
CA ILE C 21 -7.17 -0.38 16.96
C ILE C 21 -8.17 -1.51 16.82
N SER C 22 -9.38 -1.17 16.40
CA SER C 22 -10.44 -2.17 16.32
C SER C 22 -10.92 -2.46 14.91
N CYS C 23 -11.25 -3.71 14.66
CA CYS C 23 -11.79 -4.15 13.40
C CYS C 23 -12.94 -5.11 13.69
N ARG C 24 -14.16 -4.74 13.24
CA ARG C 24 -15.40 -5.49 13.38
C ARG C 24 -15.88 -6.00 12.04
N ALA C 25 -16.15 -7.32 11.93
CA ALA C 25 -16.70 -7.92 10.70
C ALA C 25 -18.22 -7.87 10.78
N SER C 26 -18.90 -7.66 9.61
CA SER C 26 -20.36 -7.56 9.51
C SER C 26 -21.05 -8.91 9.76
N GLU C 27 -20.30 -10.03 9.63
CA GLU C 27 -20.73 -11.41 9.88
C GLU C 27 -19.52 -12.19 10.39
N SER C 28 -19.74 -13.36 11.05
CA SER C 28 -18.65 -14.20 11.56
C SER C 28 -17.66 -14.58 10.44
N VAL C 29 -16.35 -14.43 10.71
CA VAL C 29 -15.29 -14.78 9.77
C VAL C 29 -14.54 -16.06 10.24
N ASP C 30 -15.26 -16.87 11.04
CA ASP C 30 -14.75 -18.11 11.61
C ASP C 30 -15.12 -19.30 10.76
N SER C 31 -14.15 -20.22 10.64
CA SER C 31 -14.27 -21.48 9.92
C SER C 31 -13.29 -22.42 10.59
N PHE C 32 -13.66 -23.70 10.69
CA PHE C 32 -12.77 -24.77 11.17
C PHE C 32 -12.16 -24.50 12.57
N GLY C 33 -12.89 -23.84 13.44
CA GLY C 33 -12.37 -23.50 14.78
C GLY C 33 -11.37 -22.34 14.80
N LYS C 34 -11.28 -21.56 13.70
CA LYS C 34 -10.33 -20.45 13.60
C LYS C 34 -10.98 -19.20 13.04
N SER C 35 -10.34 -18.02 13.27
CA SER C 35 -10.83 -16.74 12.79
C SER C 35 -10.06 -16.32 11.56
N PHE C 36 -10.73 -16.29 10.42
CA PHE C 36 -10.08 -15.96 9.13
C PHE C 36 -9.98 -14.46 8.89
N MET C 37 -9.25 -13.80 9.76
CA MET C 37 -8.97 -12.38 9.63
C MET C 37 -7.51 -12.15 10.01
N HIS C 38 -6.92 -11.13 9.38
CA HIS C 38 -5.49 -10.89 9.43
C HIS C 38 -5.22 -9.40 9.51
N PHE C 39 -4.06 -9.02 10.07
CA PHE C 39 -3.69 -7.60 10.15
C PHE C 39 -2.47 -7.30 9.32
N TYR C 40 -2.52 -6.17 8.60
CA TYR C 40 -1.42 -5.67 7.78
C TYR C 40 -1.02 -4.25 8.21
N GLN C 41 0.22 -3.86 7.91
CA GLN C 41 0.80 -2.53 8.15
C GLN C 41 1.30 -2.04 6.80
N GLN C 42 0.93 -0.83 6.40
CA GLN C 42 1.43 -0.27 5.17
C GLN C 42 2.07 1.07 5.42
N LYS C 43 3.36 1.14 5.13
CA LYS C 43 4.14 2.37 5.28
C LYS C 43 4.12 3.09 3.93
N PRO C 44 4.19 4.43 3.93
CA PRO C 44 4.17 5.16 2.65
C PRO C 44 5.15 4.66 1.61
N GLY C 45 4.68 4.53 0.37
CA GLY C 45 5.46 4.04 -0.76
C GLY C 45 5.79 2.55 -0.74
N GLN C 46 5.29 1.79 0.23
CA GLN C 46 5.62 0.36 0.32
C GLN C 46 4.39 -0.52 0.13
N PRO C 47 4.54 -1.82 -0.22
CA PRO C 47 3.37 -2.70 -0.20
C PRO C 47 2.91 -2.96 1.24
N PRO C 48 1.67 -3.47 1.46
CA PRO C 48 1.29 -3.85 2.83
C PRO C 48 2.21 -4.97 3.36
N LYS C 49 2.33 -5.03 4.66
CA LYS C 49 3.17 -6.02 5.34
C LYS C 49 2.29 -6.82 6.30
N LEU C 50 2.30 -8.18 6.19
CA LEU C 50 1.51 -9.02 7.07
C LEU C 50 2.10 -9.02 8.49
N LEU C 51 1.30 -8.65 9.51
CA LEU C 51 1.71 -8.61 10.92
C LEU C 51 1.21 -9.85 11.66
N ILE C 52 -0.10 -10.13 11.54
CA ILE C 52 -0.79 -11.21 12.25
C ILE C 52 -1.74 -11.96 11.33
N HIS C 53 -1.74 -13.29 11.37
CA HIS C 53 -2.67 -14.13 10.63
C HIS C 53 -3.59 -14.87 11.61
N LEU C 54 -4.80 -15.20 11.16
CA LEU C 54 -5.80 -15.90 11.96
C LEU C 54 -6.05 -15.22 13.30
N ALA C 55 -6.25 -13.89 13.23
CA ALA C 55 -6.56 -12.99 14.34
C ALA C 55 -5.48 -12.80 15.42
N SER C 56 -4.71 -13.84 15.77
CA SER C 56 -3.78 -13.72 16.92
C SER C 56 -2.39 -14.33 16.74
N ASN C 57 -2.05 -14.85 15.54
CA ASN C 57 -0.77 -15.50 15.31
C ASN C 57 0.23 -14.56 14.65
N LEU C 58 1.23 -14.15 15.44
CA LEU C 58 2.27 -13.19 15.05
C LEU C 58 3.14 -13.74 13.94
N GLU C 59 3.34 -12.98 12.85
CA GLU C 59 4.21 -13.42 11.75
C GLU C 59 5.65 -13.53 12.22
N SER C 60 6.38 -14.51 11.68
CA SER C 60 7.78 -14.77 11.93
C SER C 60 8.57 -13.53 11.59
N GLY C 61 9.40 -13.11 12.52
CA GLY C 61 10.20 -11.91 12.36
C GLY C 61 9.50 -10.63 12.76
N VAL C 62 8.18 -10.66 13.10
CA VAL C 62 7.59 -9.37 13.49
C VAL C 62 7.64 -9.17 15.01
N PRO C 63 8.05 -7.96 15.52
CA PRO C 63 8.19 -7.77 16.97
C PRO C 63 6.97 -8.16 17.78
N ALA C 64 7.23 -8.70 18.98
CA ALA C 64 6.21 -9.14 19.94
C ALA C 64 5.40 -7.96 20.51
N ARG C 65 5.74 -6.73 20.14
CA ARG C 65 5.00 -5.54 20.55
C ARG C 65 3.62 -5.43 19.85
N PHE C 66 3.41 -6.21 18.77
CA PHE C 66 2.15 -6.30 18.03
C PHE C 66 1.34 -7.50 18.52
N THR C 67 0.07 -7.29 18.91
CA THR C 67 -0.79 -8.38 19.38
C THR C 67 -2.22 -8.30 18.82
N GLY C 68 -2.67 -9.42 18.26
CA GLY C 68 -4.00 -9.55 17.72
C GLY C 68 -4.87 -10.38 18.64
N ARG C 69 -6.14 -10.04 18.71
CA ARG C 69 -7.09 -10.74 19.57
C ARG C 69 -8.44 -10.77 18.87
N GLY C 70 -9.25 -11.76 19.23
CA GLY C 70 -10.63 -11.84 18.79
C GLY C 70 -11.06 -13.09 18.07
N SER C 71 -12.38 -13.24 17.98
CA SER C 71 -13.05 -14.32 17.27
C SER C 71 -14.37 -13.81 16.69
N ARG C 72 -14.98 -14.57 15.80
CA ARG C 72 -16.27 -14.27 15.17
C ARG C 72 -16.28 -12.91 14.46
N THR C 73 -16.71 -11.83 15.16
CA THR C 73 -16.87 -10.49 14.53
C THR C 73 -16.02 -9.37 15.13
N ASP C 74 -15.44 -9.55 16.33
CA ASP C 74 -14.76 -8.48 17.03
C ASP C 74 -13.28 -8.72 17.24
N PHE C 75 -12.45 -7.91 16.55
CA PHE C 75 -10.99 -8.06 16.57
C PHE C 75 -10.24 -6.79 16.91
N THR C 76 -9.07 -6.94 17.52
CA THR C 76 -8.23 -5.80 17.85
C THR C 76 -6.79 -6.08 17.53
N LEU C 77 -6.08 -4.99 17.19
CA LEU C 77 -4.64 -5.00 17.00
C LEU C 77 -4.08 -4.04 18.09
N THR C 78 -3.09 -4.53 18.84
CA THR C 78 -2.44 -3.76 19.89
C THR C 78 -0.96 -3.63 19.55
N ILE C 79 -0.46 -2.43 19.73
CA ILE C 79 0.95 -2.07 19.55
C ILE C 79 1.36 -1.55 20.93
N ASP C 80 2.31 -2.25 21.58
CA ASP C 80 2.77 -1.89 22.94
C ASP C 80 4.18 -2.45 23.22
N PRO C 81 5.21 -1.59 23.32
CA PRO C 81 5.16 -0.11 23.26
C PRO C 81 5.26 0.48 21.85
N VAL C 82 4.59 1.61 21.60
CA VAL C 82 4.67 2.32 20.32
C VAL C 82 6.10 2.86 20.10
N GLU C 83 6.60 2.69 18.86
CA GLU C 83 7.92 3.16 18.42
C GLU C 83 7.75 4.10 17.22
N ALA C 84 8.77 4.93 16.91
CA ALA C 84 8.75 5.89 15.79
C ALA C 84 8.41 5.23 14.45
N ASP C 85 9.05 4.09 14.14
CA ASP C 85 8.83 3.40 12.88
C ASP C 85 7.47 2.73 12.73
N ASP C 86 6.58 2.92 13.73
CA ASP C 86 5.20 2.42 13.72
C ASP C 86 4.26 3.37 12.98
N ALA C 87 4.78 4.55 12.51
CA ALA C 87 4.06 5.54 11.70
C ALA C 87 3.69 4.84 10.39
N ALA C 88 2.41 4.49 10.25
CA ALA C 88 1.88 3.67 9.13
C ALA C 88 0.37 3.65 9.18
N THR C 89 -0.25 3.01 8.16
CA THR C 89 -1.68 2.74 8.05
C THR C 89 -1.83 1.22 8.29
N TYR C 90 -2.79 0.85 9.12
CA TYR C 90 -3.08 -0.51 9.51
C TYR C 90 -4.40 -0.96 8.90
N TYR C 91 -4.37 -2.15 8.29
CA TYR C 91 -5.54 -2.76 7.66
C TYR C 91 -5.82 -4.12 8.25
N CYS C 92 -7.09 -4.43 8.40
CA CYS C 92 -7.54 -5.75 8.74
C CYS C 92 -8.11 -6.33 7.45
N GLN C 93 -8.12 -7.66 7.35
CA GLN C 93 -8.66 -8.31 6.14
C GLN C 93 -9.34 -9.61 6.51
N GLN C 94 -10.46 -9.95 5.86
CA GLN C 94 -11.06 -11.26 6.03
C GLN C 94 -10.85 -12.08 4.74
N ASN C 95 -10.57 -13.38 4.90
CA ASN C 95 -10.51 -14.32 3.80
C ASN C 95 -11.24 -15.62 4.14
N ASN C 96 -12.27 -15.48 4.98
CA ASN C 96 -13.18 -16.58 5.35
C ASN C 96 -14.07 -16.94 4.14
N GLU C 97 -14.31 -15.94 3.28
CA GLU C 97 -15.13 -16.14 2.10
C GLU C 97 -14.76 -15.19 1.00
N VAL C 98 -15.11 -15.57 -0.24
CA VAL C 98 -14.87 -14.80 -1.44
C VAL C 98 -16.06 -13.85 -1.70
N PRO C 99 -15.84 -12.56 -2.01
CA PRO C 99 -14.54 -11.88 -2.17
C PRO C 99 -13.85 -11.60 -0.83
N PHE C 100 -12.51 -11.65 -0.82
CA PHE C 100 -11.74 -11.27 0.38
C PHE C 100 -11.91 -9.74 0.54
N THR C 101 -12.13 -9.25 1.76
CA THR C 101 -12.36 -7.82 1.96
C THR C 101 -11.48 -7.22 3.02
N PHE C 102 -11.14 -5.95 2.83
CA PHE C 102 -10.29 -5.16 3.70
C PHE C 102 -11.10 -4.11 4.44
N GLY C 103 -10.59 -3.74 5.62
CA GLY C 103 -11.10 -2.61 6.37
C GLY C 103 -10.60 -1.35 5.68
N SER C 104 -11.21 -0.19 5.97
CA SER C 104 -10.83 1.10 5.36
C SER C 104 -9.45 1.61 5.76
N GLY C 105 -8.93 1.09 6.86
CA GLY C 105 -7.61 1.48 7.34
C GLY C 105 -7.63 2.44 8.51
N THR C 106 -6.61 2.32 9.37
CA THR C 106 -6.37 3.19 10.50
C THR C 106 -4.97 3.73 10.36
N LYS C 107 -4.86 5.06 10.22
CA LYS C 107 -3.55 5.72 10.16
C LYS C 107 -3.08 6.00 11.61
N LEU C 108 -1.92 5.45 11.99
CA LEU C 108 -1.31 5.69 13.28
C LEU C 108 -0.28 6.85 13.16
N GLU C 109 -0.50 7.90 13.96
CA GLU C 109 0.36 9.07 14.08
C GLU C 109 1.19 8.95 15.36
N VAL C 110 2.51 9.10 15.24
CA VAL C 110 3.41 9.07 16.39
C VAL C 110 3.46 10.46 17.02
N LYS C 111 3.00 10.55 18.29
CA LYS C 111 2.94 11.83 19.01
C LYS C 111 4.21 12.14 19.77
N ARG C 112 5.09 12.93 19.14
CA ARG C 112 6.36 13.38 19.71
C ARG C 112 6.17 14.77 20.32
N ALA C 113 7.28 15.40 20.74
CA ALA C 113 7.28 16.78 21.19
C ALA C 113 6.96 17.76 20.03
N ASP C 114 6.25 18.86 20.36
CA ASP C 114 5.94 19.91 19.38
C ASP C 114 7.22 20.56 18.89
N ALA C 115 7.33 20.79 17.59
CA ALA C 115 8.52 21.39 16.99
C ALA C 115 8.05 22.39 15.95
N ALA C 116 8.61 23.61 16.02
CA ALA C 116 8.34 24.72 15.10
C ALA C 116 8.99 24.41 13.74
N PRO C 117 8.42 24.85 12.59
CA PRO C 117 9.07 24.54 11.30
C PRO C 117 10.32 25.39 11.07
N THR C 118 11.31 24.84 10.37
CA THR C 118 12.44 25.64 9.93
C THR C 118 11.96 26.15 8.54
N VAL C 119 11.72 27.47 8.42
CA VAL C 119 11.19 28.11 7.19
C VAL C 119 12.32 28.69 6.29
N SER C 120 12.27 28.36 4.98
CA SER C 120 13.24 28.84 3.98
C SER C 120 12.49 29.28 2.72
N ILE C 121 12.74 30.52 2.28
CA ILE C 121 12.15 31.10 1.07
C ILE C 121 13.20 31.16 -0.07
N PHE C 122 12.73 30.97 -1.29
CA PHE C 122 13.58 30.94 -2.47
C PHE C 122 12.95 31.69 -3.59
N PRO C 123 13.73 32.65 -4.15
CA PRO C 123 13.24 33.35 -5.33
C PRO C 123 13.25 32.46 -6.57
N PRO C 124 12.48 32.82 -7.62
CA PRO C 124 12.57 32.10 -8.89
C PRO C 124 13.99 32.11 -9.42
N SER C 125 14.41 31.00 -10.02
CA SER C 125 15.75 30.92 -10.61
C SER C 125 15.77 31.66 -11.94
N SER C 126 16.98 32.08 -12.33
CA SER C 126 17.26 32.75 -13.60
C SER C 126 16.79 31.87 -14.78
N GLU C 127 17.08 30.57 -14.71
CA GLU C 127 16.71 29.54 -15.68
C GLU C 127 15.19 29.57 -15.97
N GLN C 128 14.36 29.64 -14.90
CA GLN C 128 12.90 29.69 -15.02
C GLN C 128 12.44 31.01 -15.63
N LEU C 129 13.00 32.14 -15.14
CA LEU C 129 12.66 33.48 -15.61
C LEU C 129 12.89 33.67 -17.09
N THR C 130 14.01 33.14 -17.64
CA THR C 130 14.32 33.26 -19.07
C THR C 130 13.27 32.54 -19.94
N SER C 131 12.50 31.61 -19.34
CA SER C 131 11.40 30.92 -20.04
C SER C 131 9.99 31.42 -19.62
N GLY C 132 9.94 32.65 -19.10
CA GLY C 132 8.72 33.35 -18.71
C GLY C 132 7.96 32.78 -17.53
N GLY C 133 8.64 32.05 -16.66
CA GLY C 133 8.03 31.46 -15.47
C GLY C 133 8.61 32.05 -14.21
N ALA C 134 7.81 32.07 -13.13
CA ALA C 134 8.28 32.58 -11.85
C ALA C 134 7.64 31.82 -10.69
N SER C 135 8.35 30.81 -10.16
CA SER C 135 7.84 30.04 -9.03
C SER C 135 8.63 30.46 -7.81
N VAL C 136 7.94 30.93 -6.75
CA VAL C 136 8.52 31.32 -5.47
C VAL C 136 8.30 30.13 -4.54
N VAL C 137 9.38 29.54 -4.03
CA VAL C 137 9.33 28.34 -3.22
C VAL C 137 9.60 28.61 -1.76
N CYS C 138 8.83 27.93 -0.91
CA CYS C 138 8.94 28.01 0.53
C CYS C 138 8.88 26.63 1.17
N PHE C 139 9.97 26.26 1.88
CA PHE C 139 10.02 24.99 2.63
C PHE C 139 9.72 25.28 4.08
N LEU C 140 8.95 24.41 4.73
CA LEU C 140 8.56 24.53 6.14
C LEU C 140 8.84 23.15 6.65
N ASN C 141 10.07 22.95 7.13
CA ASN C 141 10.57 21.64 7.49
C ASN C 141 10.63 21.23 8.92
N ASN C 142 10.47 19.90 9.11
CA ASN C 142 10.62 19.18 10.38
C ASN C 142 9.81 19.80 11.52
N PHE C 143 8.49 19.86 11.35
CA PHE C 143 7.58 20.42 12.35
C PHE C 143 6.63 19.34 12.92
N TYR C 144 6.01 19.65 14.07
CA TYR C 144 5.05 18.78 14.76
C TYR C 144 4.15 19.64 15.67
N PRO C 145 2.79 19.50 15.64
CA PRO C 145 1.96 18.60 14.80
C PRO C 145 1.90 19.04 13.33
N LYS C 146 1.20 18.25 12.46
CA LYS C 146 1.04 18.48 11.01
C LYS C 146 0.25 19.75 10.63
N ASP C 147 -0.70 20.15 11.49
CA ASP C 147 -1.53 21.35 11.32
C ASP C 147 -0.64 22.60 11.28
N ILE C 148 -0.68 23.27 10.12
CA ILE C 148 0.06 24.49 9.79
C ILE C 148 -0.70 25.22 8.70
N ASN C 149 -0.64 26.54 8.72
CA ASN C 149 -1.22 27.35 7.65
C ASN C 149 -0.11 28.23 7.08
N VAL C 150 -0.03 28.27 5.77
CA VAL C 150 0.94 29.11 5.07
C VAL C 150 0.18 30.24 4.43
N LYS C 151 0.74 31.43 4.53
CA LYS C 151 0.19 32.64 3.95
C LYS C 151 1.29 33.30 3.11
N TRP C 152 0.94 33.64 1.87
CA TRP C 152 1.85 34.34 0.98
C TRP C 152 1.47 35.81 0.89
N LYS C 153 2.48 36.72 0.92
CA LYS C 153 2.29 38.15 0.77
C LYS C 153 3.16 38.72 -0.34
N ILE C 154 2.55 39.49 -1.25
CA ILE C 154 3.27 40.17 -2.32
C ILE C 154 3.10 41.65 -2.03
N ASP C 155 4.20 42.33 -1.65
CA ASP C 155 4.22 43.74 -1.23
C ASP C 155 3.18 43.97 -0.09
N GLY C 156 3.13 43.04 0.87
CA GLY C 156 2.23 43.09 2.01
C GLY C 156 0.78 42.68 1.78
N SER C 157 0.39 42.45 0.51
CA SER C 157 -0.98 42.04 0.19
C SER C 157 -1.04 40.50 0.09
N GLU C 158 -2.01 39.87 0.78
CA GLU C 158 -2.19 38.41 0.78
C GLU C 158 -2.49 37.91 -0.62
N ARG C 159 -1.95 36.72 -0.94
CA ARG C 159 -2.14 36.08 -2.22
C ARG C 159 -2.53 34.62 -2.01
N GLN C 160 -3.76 34.26 -2.44
CA GLN C 160 -4.30 32.90 -2.32
C GLN C 160 -4.22 32.11 -3.64
N ASN C 161 -4.37 32.79 -4.77
CA ASN C 161 -4.35 32.15 -6.09
C ASN C 161 -2.94 31.88 -6.60
N GLY C 162 -2.76 30.69 -7.18
CA GLY C 162 -1.49 30.22 -7.73
C GLY C 162 -0.56 29.58 -6.71
N VAL C 163 -1.10 29.16 -5.55
CA VAL C 163 -0.33 28.53 -4.47
C VAL C 163 -0.61 27.01 -4.48
N LEU C 164 0.46 26.19 -4.56
CA LEU C 164 0.36 24.71 -4.50
C LEU C 164 1.18 24.20 -3.32
N ASN C 165 0.53 23.38 -2.46
CA ASN C 165 1.12 22.81 -1.26
C ASN C 165 1.28 21.31 -1.32
N SER C 166 2.30 20.80 -0.66
CA SER C 166 2.62 19.39 -0.63
C SER C 166 3.28 19.09 0.71
N TRP C 167 2.75 18.08 1.42
CA TRP C 167 3.24 17.63 2.73
C TRP C 167 3.88 16.26 2.57
N THR C 168 4.96 16.01 3.31
CA THR C 168 5.60 14.68 3.34
C THR C 168 4.82 13.83 4.33
N ASP C 169 5.03 12.50 4.32
CA ASP C 169 4.43 11.65 5.35
C ASP C 169 5.26 11.81 6.62
N GLN C 170 4.68 11.50 7.78
CA GLN C 170 5.37 11.59 9.07
C GLN C 170 6.68 10.79 8.98
N ASP C 171 7.82 11.43 9.39
CA ASP C 171 9.15 10.80 9.32
C ASP C 171 9.24 9.58 10.23
N SER C 172 9.76 8.44 9.70
CA SER C 172 9.88 7.17 10.43
C SER C 172 10.93 7.16 11.56
N LYS C 173 11.82 8.18 11.57
CA LYS C 173 12.90 8.32 12.56
C LYS C 173 12.62 9.41 13.56
N ASP C 174 12.38 10.66 13.11
CA ASP C 174 12.15 11.79 14.01
C ASP C 174 10.69 12.21 14.27
N SER C 175 9.71 11.56 13.55
CA SER C 175 8.26 11.77 13.72
C SER C 175 7.71 13.16 13.33
N THR C 176 8.51 13.93 12.57
CA THR C 176 8.09 15.25 12.12
C THR C 176 7.45 15.15 10.72
N TYR C 177 6.85 16.26 10.29
CA TYR C 177 6.29 16.49 8.96
C TYR C 177 7.05 17.66 8.37
N SER C 178 7.13 17.71 7.04
CA SER C 178 7.73 18.81 6.29
C SER C 178 6.73 19.23 5.22
N MET C 179 6.83 20.47 4.76
CA MET C 179 5.89 20.99 3.78
C MET C 179 6.55 21.96 2.80
N SER C 180 6.14 21.90 1.51
CA SER C 180 6.59 22.84 0.51
C SER C 180 5.39 23.59 -0.02
N SER C 181 5.54 24.91 -0.14
CA SER C 181 4.50 25.79 -0.66
C SER C 181 5.12 26.55 -1.80
N THR C 182 4.52 26.43 -2.99
CA THR C 182 5.00 27.08 -4.21
C THR C 182 3.99 28.06 -4.76
N LEU C 183 4.39 29.32 -4.87
CA LEU C 183 3.59 30.39 -5.47
C LEU C 183 4.10 30.60 -6.90
N THR C 184 3.31 30.21 -7.90
CA THR C 184 3.70 30.40 -9.29
C THR C 184 3.02 31.66 -9.83
N LEU C 185 3.80 32.51 -10.47
CA LEU C 185 3.34 33.77 -11.04
C LEU C 185 3.87 33.85 -12.44
N THR C 186 3.39 34.81 -13.22
CA THR C 186 3.95 35.04 -14.55
C THR C 186 5.24 35.84 -14.30
N LYS C 187 6.20 35.80 -15.23
CA LYS C 187 7.42 36.61 -15.14
C LYS C 187 7.00 38.08 -15.01
N ASP C 188 5.97 38.52 -15.76
CA ASP C 188 5.43 39.88 -15.71
C ASP C 188 4.99 40.28 -14.32
N GLU C 189 4.07 39.52 -13.70
CA GLU C 189 3.62 39.89 -12.36
C GLU C 189 4.80 39.89 -11.37
N TYR C 190 5.67 38.85 -11.45
CA TYR C 190 6.83 38.78 -10.56
C TYR C 190 7.72 40.05 -10.65
N GLU C 191 8.01 40.50 -11.88
CA GLU C 191 8.87 41.64 -12.13
C GLU C 191 8.30 43.00 -11.75
N ARG C 192 6.96 43.10 -11.54
CA ARG C 192 6.33 44.37 -11.15
C ARG C 192 6.15 44.55 -9.63
N HIS C 193 6.59 43.55 -8.83
CA HIS C 193 6.52 43.59 -7.37
C HIS C 193 7.89 43.32 -6.76
N ASN C 194 8.09 43.72 -5.50
CA ASN C 194 9.39 43.61 -4.87
C ASN C 194 9.46 42.68 -3.67
N SER C 195 8.55 42.84 -2.72
CA SER C 195 8.55 42.09 -1.47
C SER C 195 7.74 40.81 -1.57
N TYR C 196 8.39 39.64 -1.32
CA TYR C 196 7.79 38.29 -1.34
C TYR C 196 7.96 37.66 0.00
N THR C 197 6.83 37.31 0.62
CA THR C 197 6.78 36.79 1.98
C THR C 197 6.04 35.45 2.10
N CYS C 198 6.65 34.54 2.85
CA CYS C 198 6.10 33.25 3.24
C CYS C 198 5.95 33.26 4.80
N GLU C 199 4.67 33.24 5.30
CA GLU C 199 4.33 33.28 6.74
C GLU C 199 3.72 31.98 7.21
N ALA C 200 4.36 31.34 8.19
CA ALA C 200 3.92 30.08 8.77
C ALA C 200 3.36 30.31 10.16
N THR C 201 2.13 29.84 10.37
CA THR C 201 1.53 29.92 11.68
C THR C 201 1.36 28.51 12.18
N HIS C 202 2.11 28.15 13.24
CA HIS C 202 2.16 26.83 13.85
C HIS C 202 1.95 26.91 15.36
N LYS C 203 1.29 25.87 15.94
CA LYS C 203 0.95 25.68 17.38
C LYS C 203 2.03 26.16 18.35
N THR C 204 3.31 26.04 17.94
CA THR C 204 4.52 26.39 18.69
C THR C 204 4.62 27.87 19.06
N SER C 205 3.96 28.77 18.29
CA SER C 205 3.98 30.22 18.58
C SER C 205 2.73 30.99 18.10
N THR C 206 2.37 32.04 18.86
CA THR C 206 1.29 32.98 18.53
C THR C 206 1.84 33.99 17.49
N SER C 207 3.19 34.08 17.39
CA SER C 207 3.92 34.92 16.45
C SER C 207 4.22 34.11 15.18
N PRO C 208 3.90 34.62 13.96
CA PRO C 208 4.18 33.82 12.76
C PRO C 208 5.66 33.79 12.40
N ILE C 209 6.13 32.68 11.83
CA ILE C 209 7.50 32.58 11.34
C ILE C 209 7.41 33.17 9.94
N VAL C 210 8.08 34.30 9.76
CA VAL C 210 8.06 35.10 8.53
C VAL C 210 9.41 35.08 7.85
N LYS C 211 9.43 34.55 6.61
CA LYS C 211 10.62 34.57 5.76
C LYS C 211 10.29 35.33 4.50
N SER C 212 11.23 36.18 4.06
CA SER C 212 11.02 37.02 2.90
C SER C 212 12.30 37.41 2.20
N PHE C 213 12.15 37.97 1.01
CA PHE C 213 13.22 38.51 0.18
C PHE C 213 12.63 39.64 -0.66
N ASN C 214 13.49 40.54 -1.13
CA ASN C 214 13.13 41.62 -2.03
C ASN C 214 13.75 41.26 -3.35
N ARG C 215 12.97 41.38 -4.44
CA ARG C 215 13.45 41.06 -5.79
C ARG C 215 14.64 41.99 -6.16
N ASN C 216 14.61 43.24 -5.62
CA ASN C 216 15.58 44.35 -5.71
C ASN C 216 15.38 45.22 -6.94
P PO4 D . -17.07 -21.24 -1.20
O1 PO4 D . -17.26 -21.75 -2.70
O2 PO4 D . -16.03 -20.05 -1.30
O3 PO4 D . -16.60 -22.44 -0.28
O4 PO4 D . -18.45 -20.57 -0.68
C1 GOL E . 4.42 -19.45 6.41
O1 GOL E . 4.79 -20.37 5.35
C2 GOL E . 3.83 -18.09 5.95
O2 GOL E . 4.88 -17.12 5.63
C3 GOL E . 3.07 -17.52 7.15
O3 GOL E . 2.05 -16.59 6.76
CL CL F . -5.26 -13.64 1.44
C1 GOL G . 9.89 12.94 6.49
O1 GOL G . 8.75 13.83 6.80
C2 GOL G . 9.82 12.10 5.19
O2 GOL G . 9.18 10.76 5.15
C3 GOL G . 11.14 12.23 4.38
O3 GOL G . 11.15 13.52 3.68
C1 GOL H . -2.49 43.62 -10.41
O1 GOL H . -3.80 43.02 -10.40
C2 GOL H . -1.52 42.62 -9.78
O2 GOL H . -1.47 42.77 -8.37
C3 GOL H . -0.13 42.84 -10.30
O3 GOL H . 0.26 44.14 -9.93
#